data_9F0V
#
_entry.id   9F0V
#
_cell.length_a   60.150
_cell.length_b   79.080
_cell.length_c   55.850
_cell.angle_alpha   90.000
_cell.angle_beta   90.000
_cell.angle_gamma   90.000
#
_symmetry.space_group_name_H-M   'P 21 21 2'
#
loop_
_entity.id
_entity.type
_entity.pdbx_description
1 polymer 'Carbapenem-hydrolyzing beta-lactamase KPC'
2 non-polymer GLYCEROL
3 non-polymer 'SULFATE ION'
4 non-polymer [(3~{S})-1-oxidanyl-3~{H}-2,1-benzoxaborol-3-yl]methanamine
5 non-polymer 'SODIUM ION'
6 water water
#
_entity_poly.entity_id   1
_entity_poly.type   'polypeptide(L)'
_entity_poly.pdbx_seq_one_letter_code
;MGSSHHHHHHSSGLVPRGSHMLTNLVAEPFAKLEQDFGGSIGVYAMDTGSGATVSYRAEERFPLCSSFKGFLAAAVLARS
QQQAGLLDTPIRYGKNALVPWSPISEKYLTTGMTVAELSAAAVQYSDNAAANLLLKELGGPAGLTAFMRSIGDTTFRLDR
WELELNSAIPGDARDTSSPRAVTESLQKLTLGSALAAPQRQQFVDWLKGNTTGNHRIRAAVPADWAVGDKTGTCGVYGTA
NDYAVVWPTGRAPIVLAVYTRAPNKDDKHSEAVIAAAARLALEGLGVNGQ
;
_entity_poly.pdbx_strand_id   A
#
# COMPACT_ATOMS: atom_id res chain seq x y z
N HIS A 20 16.07 -19.04 3.88
CA HIS A 20 16.72 -19.03 2.59
C HIS A 20 16.26 -20.18 1.73
N MET A 21 16.14 -21.34 2.39
CA MET A 21 15.86 -22.58 1.68
C MET A 21 14.59 -22.49 0.84
N LEU A 22 13.63 -21.66 1.25
CA LEU A 22 12.36 -21.55 0.54
C LEU A 22 12.24 -20.26 -0.25
N THR A 23 13.31 -19.48 -0.36
CA THR A 23 13.29 -18.25 -1.13
C THR A 23 13.75 -18.53 -2.56
N ASN A 24 12.97 -18.07 -3.53
CA ASN A 24 13.31 -18.19 -4.94
C ASN A 24 13.67 -19.62 -5.32
N LEU A 25 12.79 -20.55 -4.95
CA LEU A 25 12.96 -21.93 -5.39
C LEU A 25 12.97 -22.02 -6.91
N VAL A 26 12.20 -21.16 -7.57
CA VAL A 26 12.07 -21.10 -9.03
C VAL A 26 12.42 -19.67 -9.44
N ALA A 27 13.46 -19.53 -10.27
CA ALA A 27 13.87 -18.22 -10.75
C ALA A 27 12.90 -17.69 -11.80
N GLU A 28 12.71 -16.37 -11.81
CA GLU A 28 11.83 -15.66 -12.73
C GLU A 28 12.57 -14.47 -13.32
N PRO A 29 12.22 -14.08 -14.54
CA PRO A 29 12.98 -13.07 -15.29
C PRO A 29 12.64 -11.62 -14.92
N PHE A 30 12.84 -11.29 -13.63
CA PHE A 30 12.59 -9.91 -13.19
C PHE A 30 13.58 -8.93 -13.81
N ALA A 31 14.85 -9.34 -13.99
CA ALA A 31 15.84 -8.42 -14.53
C ALA A 31 15.48 -7.96 -15.93
N LYS A 32 15.06 -8.89 -16.79
CA LYS A 32 14.63 -8.49 -18.12
C LYS A 32 13.43 -7.55 -18.05
N LEU A 33 12.49 -7.84 -17.16
CA LEU A 33 11.33 -6.98 -17.02
C LEU A 33 11.71 -5.55 -16.64
N GLU A 34 12.62 -5.38 -15.67
CA GLU A 34 12.96 -4.02 -15.25
C GLU A 34 13.81 -3.30 -16.29
N GLN A 35 14.61 -4.06 -17.04
CA GLN A 35 15.42 -3.45 -18.10
C GLN A 35 14.54 -2.94 -19.22
N ASP A 36 13.52 -3.71 -19.61
CA ASP A 36 12.56 -3.24 -20.60
C ASP A 36 11.81 -2.01 -20.10
N PHE A 37 11.49 -1.99 -18.80
CA PHE A 37 10.85 -0.82 -18.19
C PHE A 37 11.76 0.38 -18.14
N GLY A 38 13.07 0.17 -18.06
CA GLY A 38 14.00 1.27 -17.93
C GLY A 38 14.26 1.73 -16.51
N GLY A 39 14.11 0.85 -15.54
CA GLY A 39 14.29 1.25 -14.15
C GLY A 39 14.54 0.05 -13.28
N SER A 40 14.04 0.12 -12.06
CA SER A 40 14.23 -0.92 -11.06
C SER A 40 12.88 -1.36 -10.55
N ILE A 41 12.73 -2.68 -10.38
N ILE A 41 12.70 -2.67 -10.38
CA ILE A 41 11.53 -3.30 -9.83
CA ILE A 41 11.49 -3.21 -9.79
C ILE A 41 11.92 -4.06 -8.56
C ILE A 41 11.87 -4.05 -8.59
N GLY A 42 11.14 -3.86 -7.50
CA GLY A 42 11.35 -4.59 -6.26
C GLY A 42 10.11 -5.39 -5.94
N VAL A 43 10.30 -6.67 -5.59
CA VAL A 43 9.19 -7.61 -5.42
C VAL A 43 9.46 -8.46 -4.19
N TYR A 44 8.47 -8.58 -3.32
N TYR A 44 8.45 -8.64 -3.35
CA TYR A 44 8.47 -9.61 -2.29
CA TYR A 44 8.52 -9.63 -2.29
C TYR A 44 7.09 -10.24 -2.30
C TYR A 44 7.15 -10.23 -2.08
N ALA A 45 7.05 -11.55 -2.29
CA ALA A 45 5.79 -12.27 -2.23
C ALA A 45 5.96 -13.45 -1.31
N MET A 46 4.97 -13.67 -0.45
CA MET A 46 4.98 -14.72 0.56
C MET A 46 3.76 -15.62 0.41
N ASP A 47 4.01 -16.93 0.31
CA ASP A 47 2.96 -17.93 0.45
C ASP A 47 2.81 -18.19 1.94
N THR A 48 1.70 -17.75 2.51
CA THR A 48 1.55 -17.85 3.96
C THR A 48 1.30 -19.27 4.44
N GLY A 49 1.03 -20.20 3.54
CA GLY A 49 0.85 -21.59 3.93
C GLY A 49 2.19 -22.25 4.20
N SER A 50 3.09 -22.21 3.23
CA SER A 50 4.37 -22.90 3.33
C SER A 50 5.50 -22.02 3.82
N GLY A 51 5.36 -20.70 3.72
CA GLY A 51 6.44 -19.79 3.98
C GLY A 51 7.37 -19.54 2.81
N ALA A 52 7.10 -20.18 1.67
CA ALA A 52 7.93 -19.92 0.50
C ALA A 52 7.78 -18.47 0.06
N THR A 53 8.86 -17.93 -0.52
CA THR A 53 8.87 -16.55 -0.92
C THR A 53 9.51 -16.40 -2.30
N VAL A 54 9.14 -15.30 -2.97
CA VAL A 54 9.80 -14.78 -4.15
C VAL A 54 10.33 -13.40 -3.77
N SER A 55 11.58 -13.14 -4.12
N SER A 55 11.59 -13.15 -4.09
CA SER A 55 12.26 -11.94 -3.65
CA SER A 55 12.24 -11.92 -3.65
C SER A 55 13.21 -11.41 -4.71
C SER A 55 13.18 -11.42 -4.72
N TYR A 56 13.03 -10.16 -5.09
CA TYR A 56 13.89 -9.51 -6.09
C TYR A 56 14.01 -8.04 -5.68
N ARG A 57 15.25 -7.60 -5.41
CA ARG A 57 15.48 -6.25 -4.87
C ARG A 57 14.62 -5.96 -3.64
N ALA A 58 14.34 -7.00 -2.85
CA ALA A 58 13.29 -6.90 -1.85
C ALA A 58 13.66 -6.03 -0.65
N GLU A 59 14.95 -5.83 -0.41
CA GLU A 59 15.41 -5.03 0.71
C GLU A 59 15.89 -3.65 0.29
N GLU A 60 15.74 -3.30 -0.98
CA GLU A 60 16.00 -1.93 -1.40
C GLU A 60 14.86 -1.02 -0.99
N ARG A 61 15.18 0.26 -0.78
CA ARG A 61 14.16 1.25 -0.51
C ARG A 61 13.54 1.77 -1.80
N PHE A 62 12.23 1.95 -1.77
CA PHE A 62 11.48 2.58 -2.83
C PHE A 62 10.51 3.58 -2.21
N PRO A 63 10.20 4.68 -2.88
CA PRO A 63 9.20 5.61 -2.35
C PRO A 63 7.85 4.93 -2.17
N LEU A 64 7.20 5.27 -1.04
CA LEU A 64 5.86 4.76 -0.75
C LEU A 64 4.80 5.36 -1.66
N CYS A 65 4.93 6.65 -1.98
CA CYS A 65 3.85 7.39 -2.65
C CYS A 65 2.57 7.14 -1.84
N SER A 66 1.42 6.99 -2.51
CA SER A 66 0.19 6.86 -1.75
C SER A 66 0.05 5.52 -1.01
N SER A 67 0.95 4.56 -1.21
CA SER A 67 0.79 3.25 -0.57
C SER A 67 0.84 3.36 0.95
N PHE A 68 1.40 4.43 1.52
CA PHE A 68 1.37 4.57 2.96
C PHE A 68 -0.05 4.69 3.50
N LYS A 69 -1.01 5.07 2.66
CA LYS A 69 -2.37 5.35 3.13
C LYS A 69 -3.05 4.08 3.64
N GLY A 70 -2.67 2.91 3.13
CA GLY A 70 -3.19 1.68 3.72
C GLY A 70 -2.74 1.51 5.16
N PHE A 71 -1.43 1.67 5.39
CA PHE A 71 -0.91 1.56 6.76
C PHE A 71 -1.48 2.65 7.66
N LEU A 72 -1.73 3.84 7.10
CA LEU A 72 -2.39 4.90 7.84
C LEU A 72 -3.75 4.46 8.36
N ALA A 73 -4.56 3.84 7.48
CA ALA A 73 -5.88 3.38 7.90
C ALA A 73 -5.75 2.30 8.97
N ALA A 74 -4.75 1.42 8.84
CA ALA A 74 -4.55 0.39 9.85
C ALA A 74 -4.21 1.01 11.20
N ALA A 75 -3.39 2.08 11.19
CA ALA A 75 -3.02 2.77 12.43
C ALA A 75 -4.25 3.39 13.08
N VAL A 76 -5.14 3.97 12.27
CA VAL A 76 -6.40 4.49 12.79
C VAL A 76 -7.21 3.37 13.42
N LEU A 77 -7.31 2.23 12.73
CA LEU A 77 -8.04 1.11 13.29
C LEU A 77 -7.44 0.64 14.61
N ALA A 78 -6.11 0.59 14.69
CA ALA A 78 -5.46 0.22 15.95
C ALA A 78 -5.86 1.18 17.06
N ARG A 79 -5.84 2.48 16.79
N ARG A 79 -5.81 2.48 16.79
CA ARG A 79 -6.24 3.42 17.82
CA ARG A 79 -6.24 3.45 17.79
C ARG A 79 -7.70 3.25 18.20
C ARG A 79 -7.69 3.22 18.21
N SER A 80 -8.55 2.87 17.25
CA SER A 80 -9.97 2.69 17.55
C SER A 80 -10.23 1.54 18.49
N GLN A 81 -9.26 0.65 18.69
CA GLN A 81 -9.40 -0.41 19.67
C GLN A 81 -9.45 0.14 21.09
N GLN A 82 -8.79 1.28 21.33
CA GLN A 82 -8.82 1.94 22.63
C GLN A 82 -9.78 3.11 22.67
N GLN A 83 -10.24 3.60 21.52
CA GLN A 83 -11.16 4.75 21.46
C GLN A 83 -12.40 4.30 20.69
N ALA A 84 -13.39 3.76 21.43
CA ALA A 84 -14.53 3.12 20.78
C ALA A 84 -15.38 4.09 19.96
N GLY A 85 -15.30 5.38 20.21
CA GLY A 85 -16.05 6.33 19.43
C GLY A 85 -15.30 6.93 18.24
N LEU A 86 -14.07 6.49 17.99
CA LEU A 86 -13.22 7.20 17.05
C LEU A 86 -13.75 7.12 15.64
N LEU A 87 -14.10 5.92 15.17
CA LEU A 87 -14.45 5.77 13.76
C LEU A 87 -15.69 6.58 13.40
N ASP A 88 -16.60 6.76 14.36
CA ASP A 88 -17.83 7.50 14.17
C ASP A 88 -17.69 9.01 14.33
N THR A 89 -16.50 9.50 14.63
CA THR A 89 -16.34 10.92 14.95
C THR A 89 -16.45 11.76 13.68
N PRO A 90 -17.34 12.75 13.63
N PRO A 90 -17.28 12.80 13.66
CA PRO A 90 -17.35 13.65 12.47
CA PRO A 90 -17.38 13.64 12.44
C PRO A 90 -16.11 14.52 12.46
C PRO A 90 -16.29 14.69 12.41
N ILE A 91 -15.62 14.80 11.26
CA ILE A 91 -14.49 15.69 11.05
C ILE A 91 -14.92 16.73 10.02
N ARG A 92 -14.91 17.99 10.43
N ARG A 92 -14.92 18.01 10.41
CA ARG A 92 -15.11 19.11 9.51
CA ARG A 92 -15.17 19.10 9.48
C ARG A 92 -13.75 19.60 9.07
C ARG A 92 -13.86 19.79 9.14
N TYR A 93 -13.71 20.19 7.88
CA TYR A 93 -12.45 20.68 7.35
C TYR A 93 -12.75 21.83 6.41
N GLY A 94 -11.77 22.70 6.23
CA GLY A 94 -11.91 23.84 5.36
C GLY A 94 -11.41 23.58 3.96
N LYS A 95 -11.69 24.54 3.08
CA LYS A 95 -11.25 24.40 1.70
C LYS A 95 -9.74 24.28 1.62
N ASN A 96 -9.01 24.92 2.56
CA ASN A 96 -7.55 24.85 2.54
C ASN A 96 -7.04 23.43 2.78
N ALA A 97 -7.88 22.53 3.30
CA ALA A 97 -7.47 21.15 3.49
C ALA A 97 -7.52 20.34 2.19
N LEU A 98 -8.17 20.85 1.14
N LEU A 98 -8.28 20.80 1.22
CA LEU A 98 -8.44 20.08 -0.07
CA LEU A 98 -8.29 20.12 -0.06
C LEU A 98 -7.32 20.22 -1.10
C LEU A 98 -6.91 20.30 -0.69
N VAL A 99 -6.29 19.41 -0.92
N VAL A 99 -6.25 19.17 -0.98
CA VAL A 99 -5.16 19.42 -1.86
CA VAL A 99 -5.03 19.16 -1.76
C VAL A 99 -5.51 18.60 -3.10
C VAL A 99 -5.39 18.41 -3.05
N PRO A 100 -4.68 18.64 -4.13
CA PRO A 100 -5.01 17.91 -5.37
C PRO A 100 -5.22 16.43 -5.12
N TRP A 101 -6.14 15.86 -5.89
CA TRP A 101 -6.53 14.46 -5.81
C TRP A 101 -7.17 14.12 -4.45
N SER A 102 -8.30 14.75 -4.21
CA SER A 102 -9.15 14.49 -3.05
C SER A 102 -10.56 14.22 -3.55
N PRO A 103 -10.77 13.13 -4.28
CA PRO A 103 -12.05 12.96 -5.00
C PRO A 103 -13.25 12.73 -4.11
N ILE A 104 -13.09 12.14 -2.93
CA ILE A 104 -14.22 11.96 -2.02
C ILE A 104 -14.40 13.16 -1.11
N SER A 105 -13.32 13.59 -0.45
N SER A 105 -13.29 13.56 -0.45
CA SER A 105 -13.46 14.66 0.53
CA SER A 105 -13.32 14.68 0.48
C SER A 105 -13.91 15.97 -0.10
C SER A 105 -13.97 15.90 -0.14
N GLU A 106 -13.63 16.20 -1.39
CA GLU A 106 -14.15 17.41 -2.02
C GLU A 106 -15.68 17.42 -2.12
N LYS A 107 -16.32 16.24 -2.13
N LYS A 107 -16.31 16.24 -2.14
CA LYS A 107 -17.77 16.11 -2.24
CA LYS A 107 -17.77 16.15 -2.24
C LYS A 107 -18.47 16.28 -0.90
C LYS A 107 -18.46 16.36 -0.89
N TYR A 108 -17.70 16.36 0.20
CA TYR A 108 -18.24 16.49 1.55
C TYR A 108 -17.63 17.69 2.27
N LEU A 109 -17.02 18.61 1.52
CA LEU A 109 -16.44 19.80 2.13
C LEU A 109 -17.45 20.54 2.99
N THR A 110 -18.68 20.66 2.50
CA THR A 110 -19.68 21.46 3.18
C THR A 110 -20.41 20.68 4.27
N THR A 111 -20.10 19.41 4.45
CA THR A 111 -20.79 18.59 5.44
C THR A 111 -19.86 17.95 6.47
N GLY A 112 -18.60 17.71 6.14
CA GLY A 112 -17.74 16.86 6.94
C GLY A 112 -17.90 15.40 6.59
N MET A 113 -16.95 14.60 7.10
N MET A 113 -16.97 14.59 7.12
CA MET A 113 -16.97 13.14 6.96
CA MET A 113 -16.94 13.15 6.95
C MET A 113 -16.51 12.52 8.28
C MET A 113 -16.53 12.52 8.28
N THR A 114 -16.89 11.26 8.50
CA THR A 114 -16.43 10.58 9.70
C THR A 114 -14.98 10.10 9.52
N VAL A 115 -14.33 9.80 10.65
CA VAL A 115 -13.00 9.19 10.61
C VAL A 115 -12.99 7.93 9.76
N ALA A 116 -13.99 7.07 9.94
CA ALA A 116 -14.04 5.85 9.13
C ALA A 116 -14.17 6.19 7.65
N GLU A 117 -15.00 7.18 7.32
CA GLU A 117 -15.18 7.56 5.93
C GLU A 117 -13.89 8.13 5.35
N LEU A 118 -13.17 8.93 6.14
CA LEU A 118 -11.89 9.45 5.67
C LEU A 118 -10.92 8.31 5.43
N SER A 119 -10.94 7.31 6.33
CA SER A 119 -10.01 6.18 6.19
C SER A 119 -10.33 5.41 4.92
N ALA A 120 -11.62 5.12 4.70
CA ALA A 120 -12.01 4.40 3.48
C ALA A 120 -11.63 5.20 2.23
N ALA A 121 -11.82 6.53 2.25
CA ALA A 121 -11.47 7.34 1.09
C ALA A 121 -9.96 7.31 0.84
N ALA A 122 -9.16 7.44 1.91
CA ALA A 122 -7.71 7.37 1.78
C ALA A 122 -7.27 6.04 1.16
N VAL A 123 -7.90 4.93 1.58
CA VAL A 123 -7.52 3.62 1.05
C VAL A 123 -8.04 3.41 -0.36
N GLN A 124 -9.33 3.71 -0.59
CA GLN A 124 -10.01 3.21 -1.77
C GLN A 124 -10.00 4.19 -2.93
N TYR A 125 -9.72 5.46 -2.68
CA TYR A 125 -9.62 6.49 -3.69
C TYR A 125 -8.30 7.25 -3.57
N SER A 126 -7.39 6.84 -2.67
N SER A 126 -7.41 6.84 -2.66
CA SER A 126 -6.12 7.53 -2.47
CA SER A 126 -6.14 7.51 -2.45
C SER A 126 -6.33 9.01 -2.12
C SER A 126 -6.33 8.99 -2.12
N ASP A 127 -7.41 9.33 -1.42
CA ASP A 127 -7.79 10.72 -1.18
C ASP A 127 -6.74 11.44 -0.33
N ASN A 128 -6.18 12.52 -0.89
CA ASN A 128 -5.07 13.19 -0.21
C ASN A 128 -5.50 14.05 0.96
N ALA A 129 -6.61 14.79 0.83
CA ALA A 129 -7.06 15.56 1.99
C ALA A 129 -7.39 14.63 3.15
N ALA A 130 -8.06 13.51 2.86
CA ALA A 130 -8.36 12.54 3.90
C ALA A 130 -7.08 12.03 4.56
N ALA A 131 -6.08 11.72 3.75
CA ALA A 131 -4.83 11.21 4.31
C ALA A 131 -4.19 12.24 5.24
N ASN A 132 -4.14 13.51 4.83
CA ASN A 132 -3.51 14.52 5.69
C ASN A 132 -4.31 14.72 6.97
N LEU A 133 -5.64 14.70 6.89
CA LEU A 133 -6.45 14.84 8.10
C LEU A 133 -6.19 13.70 9.06
N LEU A 134 -6.09 12.47 8.55
CA LEU A 134 -5.85 11.33 9.44
C LEU A 134 -4.42 11.34 9.98
N LEU A 135 -3.44 11.74 9.14
CA LEU A 135 -2.09 11.88 9.65
C LEU A 135 -2.06 12.80 10.86
N LYS A 136 -2.77 13.93 10.78
CA LYS A 136 -2.81 14.85 11.90
C LYS A 136 -3.37 14.18 13.15
N GLU A 137 -4.42 13.36 12.97
CA GLU A 137 -4.99 12.64 14.11
C GLU A 137 -3.97 11.77 14.82
N LEU A 138 -3.02 11.19 14.07
CA LEU A 138 -2.03 10.26 14.60
C LEU A 138 -0.76 10.95 15.09
N GLY A 139 -0.66 12.27 14.95
CA GLY A 139 0.56 12.95 15.28
C GLY A 139 1.56 13.04 14.15
N GLY A 140 1.09 13.05 12.91
CA GLY A 140 1.91 13.32 11.77
C GLY A 140 2.70 12.12 11.29
N PRO A 141 3.62 12.37 10.34
CA PRO A 141 4.46 11.29 9.82
C PRO A 141 5.19 10.47 10.89
N ALA A 142 5.68 11.13 11.95
CA ALA A 142 6.34 10.38 13.01
C ALA A 142 5.37 9.47 13.76
N GLY A 143 4.13 9.90 13.92
CA GLY A 143 3.14 9.05 14.57
C GLY A 143 2.81 7.80 13.77
N LEU A 144 2.70 7.94 12.45
CA LEU A 144 2.51 6.73 11.63
C LEU A 144 3.74 5.85 11.67
N THR A 145 4.93 6.44 11.61
CA THR A 145 6.17 5.67 11.71
C THR A 145 6.21 4.90 13.03
N ALA A 146 5.80 5.57 14.11
CA ALA A 146 5.77 4.90 15.40
C ALA A 146 4.82 3.70 15.41
N PHE A 147 3.66 3.84 14.77
CA PHE A 147 2.77 2.68 14.70
C PHE A 147 3.45 1.52 13.99
N MET A 148 4.12 1.80 12.89
CA MET A 148 4.81 0.73 12.16
C MET A 148 5.91 0.11 13.02
N ARG A 149 6.66 0.92 13.77
CA ARG A 149 7.62 0.35 14.70
C ARG A 149 6.95 -0.56 15.70
N SER A 150 5.75 -0.21 16.16
CA SER A 150 5.06 -0.98 17.18
C SER A 150 4.66 -2.37 16.72
N ILE A 151 4.56 -2.59 15.41
CA ILE A 151 4.27 -3.91 14.87
C ILE A 151 5.55 -4.63 14.42
N GLY A 152 6.72 -4.04 14.68
CA GLY A 152 7.98 -4.68 14.36
C GLY A 152 8.60 -4.30 13.03
N ASP A 153 8.09 -3.28 12.37
CA ASP A 153 8.63 -2.83 11.09
C ASP A 153 9.66 -1.75 11.40
N THR A 154 10.94 -2.07 11.16
CA THR A 154 12.04 -1.14 11.40
C THR A 154 12.51 -0.45 10.14
N THR A 155 11.87 -0.71 9.01
CA THR A 155 12.26 -0.17 7.72
C THR A 155 11.41 1.03 7.30
N PHE A 156 10.10 0.92 7.47
CA PHE A 156 9.19 1.98 7.08
C PHE A 156 9.60 3.31 7.67
N ARG A 157 9.54 4.36 6.84
CA ARG A 157 9.61 5.72 7.37
C ARG A 157 8.72 6.63 6.57
N LEU A 158 7.85 7.35 7.28
CA LEU A 158 7.17 8.49 6.70
C LEU A 158 7.76 9.74 7.34
N ASP A 159 8.02 10.73 6.49
CA ASP A 159 8.73 11.94 6.89
C ASP A 159 7.96 13.20 6.57
N ARG A 160 7.14 13.20 5.53
CA ARG A 160 6.46 14.39 5.02
C ARG A 160 4.98 14.10 4.82
N TRP A 161 4.27 15.16 4.45
CA TRP A 161 2.82 15.14 4.23
C TRP A 161 2.52 15.13 2.74
N GLU A 162 1.23 15.00 2.40
CA GLU A 162 0.82 15.16 1.00
C GLU A 162 0.82 16.64 0.67
N LEU A 163 1.38 17.01 -0.48
N LEU A 163 1.37 17.00 -0.49
CA LEU A 163 1.89 16.17 -1.55
CA LEU A 163 1.90 16.18 -1.56
C LEU A 163 3.41 16.06 -1.57
C LEU A 163 3.42 16.07 -1.58
N GLU A 164 4.10 16.72 -0.62
CA GLU A 164 5.56 16.78 -0.65
C GLU A 164 6.21 15.41 -0.59
N LEU A 165 5.56 14.43 0.04
CA LEU A 165 6.15 13.11 0.20
C LEU A 165 6.31 12.35 -1.12
N ASN A 166 5.80 12.87 -2.23
CA ASN A 166 5.87 12.18 -3.51
C ASN A 166 7.09 12.52 -4.36
N SER A 167 8.07 13.26 -3.81
CA SER A 167 9.16 13.75 -4.65
C SER A 167 10.02 12.64 -5.23
N ALA A 168 10.15 11.49 -4.55
CA ALA A 168 10.74 10.29 -5.13
C ALA A 168 12.17 10.52 -5.64
N ILE A 169 12.92 11.35 -4.92
CA ILE A 169 14.26 11.74 -5.39
C ILE A 169 15.20 10.55 -5.31
N PRO A 170 15.96 10.24 -6.36
CA PRO A 170 16.87 9.09 -6.29
C PRO A 170 17.83 9.20 -5.11
N GLY A 171 17.89 8.13 -4.32
CA GLY A 171 18.78 8.04 -3.18
C GLY A 171 18.23 8.63 -1.89
N ASP A 172 17.08 9.28 -1.94
CA ASP A 172 16.48 9.91 -0.76
C ASP A 172 15.68 8.86 -0.01
N ALA A 173 16.04 8.60 1.25
CA ALA A 173 15.33 7.62 2.04
C ALA A 173 14.02 8.15 2.64
N ARG A 174 13.76 9.45 2.59
CA ARG A 174 12.51 9.93 3.18
C ARG A 174 11.30 9.28 2.50
N ASP A 175 10.29 8.93 3.28
CA ASP A 175 9.02 8.44 2.74
C ASP A 175 9.20 7.20 1.87
N THR A 176 9.99 6.26 2.39
CA THR A 176 10.28 5.01 1.71
C THR A 176 10.06 3.81 2.64
N SER A 177 9.92 2.66 2.02
CA SER A 177 10.12 1.39 2.70
C SER A 177 10.70 0.41 1.69
N SER A 178 10.77 -0.87 2.07
CA SER A 178 11.22 -1.93 1.18
C SER A 178 10.03 -2.83 0.83
N PRO A 179 10.07 -3.48 -0.34
CA PRO A 179 9.01 -4.44 -0.66
C PRO A 179 8.83 -5.48 0.41
N ARG A 180 9.96 -5.94 0.98
CA ARG A 180 9.88 -6.97 2.01
C ARG A 180 9.16 -6.47 3.26
N ALA A 181 9.55 -5.31 3.77
CA ALA A 181 8.93 -4.80 4.99
C ALA A 181 7.46 -4.47 4.76
N VAL A 182 7.14 -3.97 3.56
CA VAL A 182 5.74 -3.71 3.23
C VAL A 182 4.93 -5.01 3.30
N THR A 183 5.43 -6.09 2.69
CA THR A 183 4.72 -7.37 2.70
C THR A 183 4.63 -7.93 4.11
N GLU A 184 5.72 -7.86 4.87
CA GLU A 184 5.71 -8.38 6.23
C GLU A 184 4.70 -7.63 7.10
N SER A 185 4.68 -6.30 7.00
CA SER A 185 3.72 -5.53 7.77
C SER A 185 2.29 -5.78 7.28
N LEU A 186 2.09 -5.88 5.97
CA LEU A 186 0.76 -6.15 5.46
C LEU A 186 0.24 -7.48 5.98
N GLN A 187 1.10 -8.50 5.99
N GLN A 187 1.10 -8.50 6.01
N GLN A 187 1.11 -8.50 6.02
CA GLN A 187 0.72 -9.80 6.54
CA GLN A 187 0.69 -9.80 6.54
CA GLN A 187 0.71 -9.80 6.54
C GLN A 187 0.27 -9.67 7.99
C GLN A 187 0.28 -9.70 8.01
C GLN A 187 0.29 -9.70 8.00
N LYS A 188 1.09 -9.00 8.82
CA LYS A 188 0.76 -8.88 10.23
C LYS A 188 -0.60 -8.23 10.45
N LEU A 189 -0.93 -7.23 9.63
CA LEU A 189 -2.13 -6.43 9.80
C LEU A 189 -3.38 -7.09 9.23
N THR A 190 -3.25 -7.85 8.13
CA THR A 190 -4.41 -8.44 7.48
C THR A 190 -4.66 -9.89 7.85
N LEU A 191 -3.61 -10.62 8.25
CA LEU A 191 -3.72 -12.04 8.51
C LEU A 191 -3.22 -12.42 9.91
N GLY A 192 -2.29 -11.66 10.43
CA GLY A 192 -1.71 -11.90 11.74
C GLY A 192 -2.50 -11.25 12.85
N SER A 193 -1.81 -10.95 13.94
CA SER A 193 -2.45 -10.50 15.17
C SER A 193 -2.19 -9.02 15.50
N ALA A 194 -1.66 -8.25 14.56
CA ALA A 194 -1.33 -6.87 14.87
C ALA A 194 -2.56 -6.02 15.14
N LEU A 195 -3.69 -6.36 14.53
CA LEU A 195 -4.99 -5.77 14.83
C LEU A 195 -5.87 -6.82 15.48
N ALA A 196 -6.79 -6.37 16.33
CA ALA A 196 -7.83 -7.25 16.83
C ALA A 196 -8.73 -7.69 15.67
N ALA A 197 -9.41 -8.82 15.87
CA ALA A 197 -10.12 -9.46 14.76
C ALA A 197 -11.11 -8.55 14.06
N PRO A 198 -11.95 -7.78 14.76
CA PRO A 198 -12.91 -6.93 14.03
C PRO A 198 -12.22 -5.89 13.18
N GLN A 199 -11.16 -5.27 13.72
CA GLN A 199 -10.44 -4.24 13.00
C GLN A 199 -9.64 -4.82 11.85
N ARG A 200 -9.10 -6.03 12.04
N ARG A 200 -9.10 -6.03 12.04
CA ARG A 200 -8.41 -6.73 10.95
CA ARG A 200 -8.41 -6.72 10.95
C ARG A 200 -9.35 -6.90 9.76
C ARG A 200 -9.35 -6.89 9.76
N GLN A 201 -10.57 -7.37 10.01
CA GLN A 201 -11.51 -7.58 8.91
C GLN A 201 -11.92 -6.27 8.26
N GLN A 202 -12.06 -5.19 9.07
CA GLN A 202 -12.36 -3.89 8.48
C GLN A 202 -11.22 -3.44 7.56
N PHE A 203 -9.98 -3.65 7.98
CA PHE A 203 -8.84 -3.27 7.14
C PHE A 203 -8.87 -4.06 5.84
N VAL A 204 -9.08 -5.38 5.94
CA VAL A 204 -9.23 -6.22 4.75
C VAL A 204 -10.34 -5.69 3.85
N ASP A 205 -11.50 -5.37 4.44
CA ASP A 205 -12.63 -4.93 3.62
C ASP A 205 -12.34 -3.62 2.90
N TRP A 206 -11.63 -2.69 3.56
CA TRP A 206 -11.26 -1.46 2.88
C TRP A 206 -10.34 -1.75 1.71
N LEU A 207 -9.33 -2.61 1.92
CA LEU A 207 -8.44 -2.97 0.83
C LEU A 207 -9.19 -3.66 -0.30
N LYS A 208 -10.15 -4.53 0.03
CA LYS A 208 -10.91 -5.23 -1.00
C LYS A 208 -11.71 -4.25 -1.85
N GLY A 209 -12.18 -3.15 -1.25
CA GLY A 209 -12.97 -2.16 -1.95
C GLY A 209 -12.14 -1.11 -2.67
N ASN A 210 -10.81 -1.27 -2.74
CA ASN A 210 -10.02 -0.28 -3.45
C ASN A 210 -10.49 -0.18 -4.90
N THR A 211 -10.52 1.05 -5.42
CA THR A 211 -10.93 1.30 -6.79
C THR A 211 -9.79 1.65 -7.73
N THR A 212 -8.56 1.86 -7.23
CA THR A 212 -7.49 2.43 -8.02
C THR A 212 -6.51 1.39 -8.57
N GLY A 213 -6.70 0.11 -8.27
CA GLY A 213 -5.71 -0.90 -8.57
C GLY A 213 -6.05 -1.92 -9.63
N ASN A 214 -7.06 -1.68 -10.46
CA ASN A 214 -7.51 -2.72 -11.38
C ASN A 214 -6.47 -3.10 -12.43
N HIS A 215 -5.48 -2.25 -12.69
CA HIS A 215 -4.49 -2.53 -13.71
C HIS A 215 -3.15 -2.95 -13.13
N ARG A 216 -3.09 -3.23 -11.83
CA ARG A 216 -1.84 -3.55 -11.15
C ARG A 216 -1.91 -5.02 -10.67
N ILE A 217 -1.68 -5.32 -9.39
CA ILE A 217 -1.67 -6.71 -8.96
C ILE A 217 -2.98 -7.41 -9.35
N ARG A 218 -4.12 -6.73 -9.20
CA ARG A 218 -5.41 -7.35 -9.54
C ARG A 218 -5.45 -7.88 -10.96
N ALA A 219 -4.75 -7.25 -11.90
CA ALA A 219 -4.77 -7.70 -13.27
C ALA A 219 -4.08 -9.04 -13.45
N ALA A 220 -3.29 -9.47 -12.47
CA ALA A 220 -2.63 -10.77 -12.49
C ALA A 220 -3.37 -11.82 -11.68
N VAL A 221 -4.46 -11.45 -11.01
CA VAL A 221 -5.17 -12.32 -10.09
C VAL A 221 -6.48 -12.77 -10.74
N PRO A 222 -6.76 -14.07 -10.84
CA PRO A 222 -8.04 -14.51 -11.42
C PRO A 222 -9.23 -13.87 -10.73
N ALA A 223 -10.27 -13.62 -11.54
CA ALA A 223 -11.46 -12.94 -11.05
C ALA A 223 -12.18 -13.70 -9.95
N ASP A 224 -12.02 -15.02 -9.86
CA ASP A 224 -12.72 -15.78 -8.84
C ASP A 224 -11.94 -15.89 -7.52
N TRP A 225 -10.84 -15.17 -7.37
CA TRP A 225 -10.12 -15.08 -6.11
C TRP A 225 -10.39 -13.73 -5.43
N ALA A 226 -10.44 -13.72 -4.11
CA ALA A 226 -10.58 -12.47 -3.38
C ALA A 226 -9.22 -11.77 -3.28
N VAL A 227 -9.25 -10.44 -3.28
N VAL A 227 -9.26 -10.44 -3.28
CA VAL A 227 -8.03 -9.64 -3.27
CA VAL A 227 -8.05 -9.63 -3.28
C VAL A 227 -8.34 -8.26 -2.73
C VAL A 227 -8.36 -8.27 -2.70
N GLY A 228 -7.42 -7.73 -1.93
CA GLY A 228 -7.42 -6.34 -1.56
C GLY A 228 -6.05 -5.76 -1.80
N ASP A 229 -6.01 -4.47 -2.12
CA ASP A 229 -4.73 -3.84 -2.46
C ASP A 229 -4.74 -2.36 -2.12
N LYS A 230 -3.53 -1.78 -2.09
CA LYS A 230 -3.36 -0.33 -2.07
C LYS A 230 -2.24 0.06 -3.03
N THR A 231 -2.54 1.02 -3.90
CA THR A 231 -1.59 1.53 -4.88
C THR A 231 -0.81 2.73 -4.38
N GLY A 232 0.25 3.03 -5.09
CA GLY A 232 0.96 4.30 -4.94
C GLY A 232 1.48 4.75 -6.28
N THR A 233 1.41 6.05 -6.55
CA THR A 233 1.91 6.64 -7.79
C THR A 233 2.48 8.01 -7.45
N CYS A 234 3.79 8.19 -7.60
CA CYS A 234 4.41 9.45 -7.22
C CYS A 234 4.35 10.50 -8.30
N GLY A 235 4.23 10.11 -9.57
CA GLY A 235 4.17 11.07 -10.66
C GLY A 235 5.50 11.50 -11.25
N VAL A 236 6.61 11.02 -10.70
CA VAL A 236 7.96 11.36 -11.17
C VAL A 236 8.82 10.11 -11.03
N TYR A 237 9.95 10.11 -11.72
CA TYR A 237 10.98 9.09 -11.54
C TYR A 237 10.43 7.67 -11.73
N GLY A 238 9.51 7.51 -12.67
CA GLY A 238 8.92 6.20 -12.93
C GLY A 238 8.49 5.45 -11.69
N THR A 239 8.00 6.16 -10.68
CA THR A 239 7.84 5.57 -9.34
C THR A 239 6.39 5.29 -9.06
N ALA A 240 6.04 4.01 -8.94
CA ALA A 240 4.68 3.59 -8.64
C ALA A 240 4.75 2.19 -8.06
N ASN A 241 3.66 1.74 -7.45
CA ASN A 241 3.70 0.52 -6.68
C ASN A 241 2.29 0.03 -6.37
N ASP A 242 2.24 -1.16 -5.77
CA ASP A 242 1.00 -1.75 -5.31
C ASP A 242 1.39 -2.83 -4.33
N TYR A 243 0.55 -3.03 -3.31
CA TYR A 243 0.69 -4.20 -2.45
C TYR A 243 -0.68 -4.82 -2.26
N ALA A 244 -0.71 -6.12 -2.01
CA ALA A 244 -1.98 -6.82 -1.98
C ALA A 244 -1.92 -8.06 -1.10
N VAL A 245 -3.09 -8.40 -0.57
N VAL A 245 -3.11 -8.44 -0.64
CA VAL A 245 -3.34 -9.74 -0.05
CA VAL A 245 -3.35 -9.73 -0.02
C VAL A 245 -4.29 -10.41 -1.02
C VAL A 245 -4.37 -10.47 -0.89
N VAL A 246 -4.01 -11.68 -1.32
CA VAL A 246 -4.73 -12.45 -2.32
C VAL A 246 -5.14 -13.77 -1.68
N TRP A 247 -6.41 -14.15 -1.87
CA TRP A 247 -6.92 -15.42 -1.36
C TRP A 247 -7.25 -16.33 -2.54
N PRO A 248 -6.29 -17.11 -3.04
CA PRO A 248 -6.63 -18.13 -4.05
C PRO A 248 -7.55 -19.14 -3.39
N THR A 249 -8.47 -19.70 -4.16
CA THR A 249 -9.37 -20.68 -3.58
C THR A 249 -8.58 -21.97 -3.31
N GLY A 250 -8.90 -22.61 -2.20
CA GLY A 250 -8.33 -23.90 -1.93
C GLY A 250 -6.91 -23.92 -1.38
N ARG A 251 -6.28 -22.77 -1.13
CA ARG A 251 -4.95 -22.75 -0.54
C ARG A 251 -4.81 -21.48 0.29
N ALA A 252 -3.68 -21.38 0.99
CA ALA A 252 -3.48 -20.28 1.92
C ALA A 252 -3.27 -18.96 1.18
N PRO A 253 -3.55 -17.85 1.83
CA PRO A 253 -3.38 -16.56 1.14
C PRO A 253 -1.92 -16.23 0.83
N ILE A 254 -1.77 -15.36 -0.16
CA ILE A 254 -0.50 -14.83 -0.61
C ILE A 254 -0.48 -13.33 -0.30
N VAL A 255 0.64 -12.84 0.21
N VAL A 255 0.64 -12.84 0.20
CA VAL A 255 0.84 -11.42 0.42
CA VAL A 255 0.84 -11.41 0.43
C VAL A 255 1.99 -10.98 -0.46
C VAL A 255 2.00 -10.96 -0.44
N LEU A 256 1.84 -9.85 -1.15
CA LEU A 256 2.92 -9.42 -2.04
C LEU A 256 2.95 -7.91 -2.22
N ALA A 257 4.14 -7.44 -2.62
CA ALA A 257 4.40 -6.03 -2.84
C ALA A 257 5.25 -5.90 -4.08
N VAL A 258 4.91 -4.93 -4.94
CA VAL A 258 5.64 -4.65 -6.16
C VAL A 258 5.85 -3.14 -6.21
N TYR A 259 7.12 -2.71 -6.22
CA TYR A 259 7.50 -1.30 -6.22
C TYR A 259 8.40 -1.03 -7.41
N THR A 260 8.28 0.16 -8.00
CA THR A 260 9.13 0.54 -9.11
C THR A 260 9.70 1.95 -8.90
N ARG A 261 10.83 2.19 -9.54
N ARG A 261 10.82 2.19 -9.56
CA ARG A 261 11.36 3.54 -9.72
CA ARG A 261 11.40 3.53 -9.71
C ARG A 261 12.26 3.51 -10.95
C ARG A 261 12.27 3.50 -10.94
N ALA A 262 12.73 4.69 -11.36
CA ALA A 262 13.50 4.84 -12.58
C ALA A 262 14.40 6.05 -12.42
N PRO A 263 15.46 6.15 -13.21
CA PRO A 263 16.49 7.14 -12.89
C PRO A 263 16.18 8.58 -13.23
N ASN A 264 15.33 8.84 -14.21
CA ASN A 264 15.10 10.19 -14.71
C ASN A 264 13.77 10.73 -14.19
N LYS A 265 13.77 12.03 -13.89
CA LYS A 265 12.56 12.62 -13.31
C LYS A 265 11.35 12.43 -14.22
N ASP A 266 11.52 12.55 -15.52
N ASP A 266 11.55 12.56 -15.53
CA ASP A 266 10.37 12.44 -16.40
CA ASP A 266 10.46 12.46 -16.50
C ASP A 266 10.16 11.03 -16.94
C ASP A 266 10.14 11.02 -16.92
N ASP A 267 10.82 10.02 -16.37
CA ASP A 267 10.51 8.65 -16.71
C ASP A 267 9.08 8.34 -16.25
N LYS A 268 8.31 7.68 -17.10
CA LYS A 268 6.93 7.37 -16.76
C LYS A 268 6.82 6.05 -16.01
N HIS A 269 5.87 5.96 -15.10
CA HIS A 269 5.57 4.69 -14.47
C HIS A 269 4.78 3.81 -15.45
N SER A 270 4.67 2.54 -15.10
CA SER A 270 3.93 1.58 -15.91
C SER A 270 3.07 0.70 -15.02
N GLU A 271 1.76 0.73 -15.23
CA GLU A 271 0.89 -0.24 -14.56
C GLU A 271 1.14 -1.64 -15.09
N ALA A 272 1.36 -1.77 -16.39
CA ALA A 272 1.56 -3.10 -16.98
C ALA A 272 2.77 -3.80 -16.39
N VAL A 273 3.83 -3.05 -16.09
N VAL A 273 3.84 -3.06 -16.10
CA VAL A 273 5.02 -3.64 -15.51
CA VAL A 273 5.02 -3.69 -15.51
C VAL A 273 4.74 -4.18 -14.12
C VAL A 273 4.71 -4.23 -14.12
N ILE A 274 3.89 -3.48 -13.35
CA ILE A 274 3.52 -3.95 -12.02
C ILE A 274 2.71 -5.23 -12.11
N ALA A 275 1.73 -5.27 -13.01
CA ALA A 275 0.95 -6.49 -13.22
C ALA A 275 1.84 -7.63 -13.68
N ALA A 276 2.78 -7.36 -14.58
CA ALA A 276 3.65 -8.43 -15.07
C ALA A 276 4.54 -8.97 -13.96
N ALA A 277 5.04 -8.08 -13.10
CA ALA A 277 5.87 -8.52 -11.98
C ALA A 277 5.05 -9.36 -11.01
N ALA A 278 3.79 -8.98 -10.78
CA ALA A 278 2.93 -9.78 -9.93
C ALA A 278 2.68 -11.17 -10.52
N ARG A 279 2.50 -11.24 -11.83
N ARG A 279 2.50 -11.24 -11.83
CA ARG A 279 2.35 -12.52 -12.51
CA ARG A 279 2.35 -12.54 -12.48
C ARG A 279 3.57 -13.41 -12.30
C ARG A 279 3.58 -13.40 -12.24
N LEU A 280 4.77 -12.83 -12.45
CA LEU A 280 6.00 -13.58 -12.23
C LEU A 280 6.11 -14.06 -10.79
N ALA A 281 5.71 -13.21 -9.83
CA ALA A 281 5.76 -13.61 -8.42
C ALA A 281 4.85 -14.80 -8.15
N LEU A 282 3.61 -14.75 -8.67
CA LEU A 282 2.70 -15.87 -8.48
C LEU A 282 3.25 -17.13 -9.15
N GLU A 283 3.81 -17.00 -10.35
CA GLU A 283 4.43 -18.15 -10.99
C GLU A 283 5.57 -18.71 -10.17
N GLY A 284 6.39 -17.82 -9.60
CA GLY A 284 7.51 -18.27 -8.80
C GLY A 284 7.08 -19.04 -7.57
N LEU A 285 5.90 -18.72 -7.05
CA LEU A 285 5.36 -19.43 -5.89
C LEU A 285 4.62 -20.70 -6.28
N GLY A 286 4.48 -20.99 -7.58
CA GLY A 286 3.76 -22.17 -8.01
C GLY A 286 2.27 -22.05 -7.84
N VAL A 287 1.75 -20.84 -7.73
CA VAL A 287 0.33 -20.61 -7.63
C VAL A 287 -0.23 -20.56 -9.04
N ASN A 288 -1.07 -21.53 -9.38
CA ASN A 288 -1.68 -21.56 -10.71
C ASN A 288 -2.73 -20.48 -10.81
N GLY A 289 -2.61 -19.63 -11.83
CA GLY A 289 -3.56 -18.54 -12.03
C GLY A 289 -4.29 -18.61 -13.36
#